data_2X7P
#
_entry.id   2X7P
#
_cell.length_a   42.588
_cell.length_b   66.849
_cell.length_c   113.990
_cell.angle_alpha   90.00
_cell.angle_beta   90.00
_cell.angle_gamma   90.00
#
_symmetry.space_group_name_H-M   'P 21 21 21'
#
loop_
_entity.id
_entity.type
_entity.pdbx_description
1 polymer 'POSSIBLE THIAMINE BIOSYNTHESIS ENZYME'
2 non-polymer 'CALCIUM ION'
3 non-polymer 'CHLORIDE ION'
4 non-polymer GLYCEROL
5 non-polymer 2-(2-ETHOXYETHOXY)ETHANOL
6 non-polymer 'ACETIC ACID'
7 non-polymer 'CARBON DIOXIDE'
8 water water
#
_entity_poly.entity_id   1
_entity_poly.type   'polypeptide(L)'
_entity_poly.pdbx_seq_one_letter_code
;(MSE)AHHHHHHGHHHQLPTLKVAYIPEHFSTPLFFAQQQGYYKAHDLSIEFVKVPEGSGRLINLLNSNEVDIAIGLTEA
FIADIAKGNENIHVLDTYVKSPLLWAVSTGSNRDDVTDAKQLKRIGVSRIGSGSYV(MSE)SFVLAHQLGVPSFDQFQVL
SNFKNLRDSVNLKDGVEGSDAF(MSE)WEYFTSKKYYDNHEIKQIDQIYTPWSSWVVATSSDSLQAKSDVIKNFIDAVNQ
GIQYYNEHVDEAIEYISSNLDYSAEDAKEWTKTVEFNSRIGKTPLDWDTIVVKTKDTLKLAGVLAESDDVILKRLNSNVK
KTNLQLDGDLEAA
;
_entity_poly.pdbx_strand_id   A
#
# COMPACT_ATOMS: atom_id res chain seq x y z
N LEU A 14 -27.26 -8.41 7.44
CA LEU A 14 -25.97 -8.71 6.82
C LEU A 14 -24.93 -9.11 7.86
N PRO A 15 -24.11 -10.13 7.53
CA PRO A 15 -23.08 -10.65 8.42
C PRO A 15 -22.12 -9.56 8.89
N THR A 16 -21.60 -9.70 10.10
CA THR A 16 -20.65 -8.75 10.65
C THR A 16 -19.35 -8.77 9.86
N LEU A 17 -18.86 -7.59 9.49
CA LEU A 17 -17.61 -7.49 8.75
C LEU A 17 -16.50 -6.88 9.60
N LYS A 18 -15.40 -7.60 9.74
CA LYS A 18 -14.22 -7.09 10.42
C LYS A 18 -13.22 -6.59 9.39
N VAL A 19 -13.05 -5.27 9.34
CA VAL A 19 -12.18 -4.66 8.34
C VAL A 19 -10.84 -4.24 8.93
N ALA A 20 -9.77 -4.87 8.46
CA ALA A 20 -8.43 -4.54 8.91
C ALA A 20 -7.83 -3.43 8.04
N TYR A 21 -7.60 -2.27 8.63
CA TYR A 21 -7.06 -1.13 7.90
C TYR A 21 -5.73 -0.68 8.49
N ILE A 22 -5.09 0.27 7.82
CA ILE A 22 -3.83 0.82 8.29
C ILE A 22 -4.02 2.29 8.67
N PRO A 23 -3.69 2.63 9.92
CA PRO A 23 -3.87 3.98 10.46
C PRO A 23 -2.97 5.00 9.77
N GLU A 24 -3.34 5.37 8.54
CA GLU A 24 -2.58 6.33 7.76
C GLU A 24 -3.53 7.40 7.22
N HIS A 25 -2.95 8.41 6.56
CA HIS A 25 -3.74 9.44 5.90
C HIS A 25 -4.64 8.82 4.84
N PHE A 26 -4.22 7.68 4.29
CA PHE A 26 -4.99 6.99 3.26
C PHE A 26 -6.30 6.43 3.79
N SER A 27 -6.40 6.26 5.11
CA SER A 27 -7.59 5.69 5.71
C SER A 27 -8.64 6.75 6.02
N THR A 28 -8.38 7.98 5.59
CA THR A 28 -9.27 9.11 5.83
C THR A 28 -10.70 8.85 5.35
N PRO A 29 -10.87 8.42 4.09
CA PRO A 29 -12.21 8.15 3.57
C PRO A 29 -12.96 7.12 4.42
N LEU A 30 -12.25 6.13 4.94
CA LEU A 30 -12.85 5.12 5.79
C LEU A 30 -13.42 5.74 7.06
N PHE A 31 -12.72 6.73 7.59
CA PHE A 31 -13.16 7.43 8.79
C PHE A 31 -14.43 8.23 8.55
N PHE A 32 -14.44 9.03 7.50
CA PHE A 32 -15.59 9.86 7.17
C PHE A 32 -16.83 9.03 6.89
N ALA A 33 -16.63 7.85 6.32
CA ALA A 33 -17.74 6.94 6.05
C ALA A 33 -18.42 6.54 7.35
N GLN A 34 -17.63 6.43 8.41
CA GLN A 34 -18.16 6.12 9.74
C GLN A 34 -18.76 7.36 10.38
N GLN A 35 -18.10 8.49 10.21
CA GLN A 35 -18.57 9.75 10.77
C GLN A 35 -19.94 10.12 10.24
N GLN A 36 -20.15 9.91 8.95
CA GLN A 36 -21.41 10.26 8.30
C GLN A 36 -22.40 9.11 8.38
N GLY A 37 -21.97 8.00 8.97
CA GLY A 37 -22.83 6.84 9.16
C GLY A 37 -23.23 6.15 7.87
N TYR A 38 -22.33 6.15 6.89
CA TYR A 38 -22.60 5.49 5.61
C TYR A 38 -22.70 3.98 5.78
N TYR A 39 -21.90 3.43 6.69
CA TYR A 39 -21.91 1.99 6.94
C TYR A 39 -23.27 1.53 7.46
N LYS A 40 -23.77 2.19 8.50
CA LYS A 40 -25.05 1.84 9.09
C LYS A 40 -26.17 2.09 8.09
N ALA A 41 -25.96 3.03 7.18
CA ALA A 41 -26.93 3.33 6.14
C ALA A 41 -27.06 2.16 5.17
N HIS A 42 -25.95 1.46 4.94
CA HIS A 42 -25.95 0.28 4.09
C HIS A 42 -26.22 -0.98 4.91
N ASP A 43 -26.80 -0.79 6.09
CA ASP A 43 -27.12 -1.90 6.98
C ASP A 43 -25.89 -2.77 7.24
N LEU A 44 -24.82 -2.15 7.72
CA LEU A 44 -23.58 -2.86 7.97
C LEU A 44 -23.16 -2.77 9.43
N SER A 45 -22.58 -3.85 9.93
CA SER A 45 -22.01 -3.87 11.28
C SER A 45 -20.51 -4.07 11.17
N ILE A 46 -19.77 -2.96 11.05
CA ILE A 46 -18.34 -3.01 10.82
C ILE A 46 -17.52 -2.93 12.10
N GLU A 47 -16.55 -3.83 12.23
CA GLU A 47 -15.61 -3.79 13.34
C GLU A 47 -14.20 -3.58 12.82
N PHE A 48 -13.76 -2.32 12.79
CA PHE A 48 -12.45 -1.98 12.26
C PHE A 48 -11.32 -2.50 13.14
N VAL A 49 -10.30 -3.06 12.51
CA VAL A 49 -9.13 -3.57 13.22
C VAL A 49 -7.88 -2.83 12.78
N LYS A 50 -7.38 -1.95 13.65
CA LYS A 50 -6.19 -1.16 13.36
C LYS A 50 -4.97 -2.06 13.22
N VAL A 51 -4.26 -1.92 12.10
CA VAL A 51 -3.07 -2.72 11.85
C VAL A 51 -1.88 -1.85 11.46
N PRO A 52 -1.14 -1.35 12.45
CA PRO A 52 0.05 -0.52 12.23
C PRO A 52 1.19 -1.32 11.62
N GLU A 53 1.17 -2.64 11.81
CA GLU A 53 2.25 -3.50 11.35
C GLU A 53 2.46 -3.43 9.84
N GLY A 54 1.38 -3.18 9.10
CA GLY A 54 1.48 -3.03 7.66
C GLY A 54 0.67 -4.06 6.89
N SER A 55 0.88 -4.10 5.57
CA SER A 55 0.15 -5.00 4.69
C SER A 55 0.52 -6.45 4.93
N GLY A 56 1.73 -6.68 5.43
CA GLY A 56 2.19 -8.02 5.73
C GLY A 56 1.28 -8.72 6.71
N ARG A 57 0.88 -8.02 7.76
CA ARG A 57 -0.01 -8.58 8.77
C ARG A 57 -1.45 -8.64 8.27
N LEU A 58 -1.83 -7.71 7.40
CA LEU A 58 -3.17 -7.70 6.82
C LEU A 58 -3.44 -9.03 6.14
N ILE A 59 -2.46 -9.53 5.41
CA ILE A 59 -2.58 -10.82 4.73
C ILE A 59 -2.73 -11.95 5.73
N ASN A 60 -1.90 -11.93 6.77
CA ASN A 60 -1.95 -12.94 7.82
C ASN A 60 -3.32 -12.98 8.50
N LEU A 61 -3.90 -11.81 8.75
CA LEU A 61 -5.21 -11.72 9.38
C LEU A 61 -6.31 -12.29 8.49
N LEU A 62 -6.11 -12.19 7.18
CA LEU A 62 -7.06 -12.78 6.23
C LEU A 62 -6.93 -14.29 6.20
N ASN A 63 -5.70 -14.78 6.18
CA ASN A 63 -5.44 -16.22 6.15
C ASN A 63 -5.91 -16.93 7.40
N SER A 64 -5.93 -16.21 8.52
CA SER A 64 -6.32 -16.79 9.80
C SER A 64 -7.80 -16.58 10.08
N ASN A 65 -8.50 -15.98 9.12
CA ASN A 65 -9.93 -15.70 9.26
C ASN A 65 -10.25 -14.79 10.44
N GLU A 66 -9.28 -14.01 10.88
CA GLU A 66 -9.49 -13.07 11.97
C GLU A 66 -10.18 -11.80 11.48
N VAL A 67 -10.08 -11.55 10.17
CA VAL A 67 -10.74 -10.40 9.55
C VAL A 67 -11.37 -10.79 8.23
N ASP A 68 -12.39 -10.04 7.81
CA ASP A 68 -13.08 -10.32 6.56
C ASP A 68 -12.47 -9.57 5.40
N ILE A 69 -12.10 -8.32 5.64
CA ILE A 69 -11.57 -7.45 4.59
C ILE A 69 -10.27 -6.78 5.02
N ALA A 70 -9.38 -6.55 4.05
CA ALA A 70 -8.11 -5.88 4.31
C ALA A 70 -7.83 -4.81 3.25
N ILE A 71 -7.28 -3.68 3.68
CA ILE A 71 -6.95 -2.61 2.76
C ILE A 71 -5.48 -2.20 2.93
N GLY A 72 -4.64 -2.65 2.01
CA GLY A 72 -3.21 -2.37 2.08
C GLY A 72 -2.58 -2.13 0.73
N LEU A 73 -1.25 -2.18 0.68
CA LEU A 73 -0.50 -1.94 -0.54
C LEU A 73 -0.78 -3.01 -1.60
N THR A 74 -0.83 -2.58 -2.85
CA THR A 74 -1.16 -3.46 -3.96
C THR A 74 -0.15 -4.59 -4.15
N GLU A 75 1.13 -4.24 -4.19
CA GLU A 75 2.18 -5.21 -4.46
C GLU A 75 2.21 -6.34 -3.43
N ALA A 76 1.71 -6.06 -2.23
CA ALA A 76 1.67 -7.06 -1.17
C ALA A 76 0.71 -8.19 -1.51
N PHE A 77 -0.50 -7.81 -1.94
CA PHE A 77 -1.53 -8.80 -2.26
C PHE A 77 -1.30 -9.48 -3.60
N ILE A 78 -0.71 -8.74 -4.54
CA ILE A 78 -0.41 -9.30 -5.85
C ILE A 78 0.69 -10.34 -5.77
N ALA A 79 1.71 -10.06 -4.95
CA ALA A 79 2.83 -10.98 -4.77
C ALA A 79 2.37 -12.25 -4.06
N ASP A 80 1.60 -12.08 -2.99
CA ASP A 80 1.13 -13.21 -2.19
C ASP A 80 0.29 -14.17 -3.03
N ILE A 81 -0.57 -13.61 -3.87
CA ILE A 81 -1.42 -14.41 -4.75
C ILE A 81 -0.59 -15.13 -5.80
N ALA A 82 0.36 -14.41 -6.38
CA ALA A 82 1.21 -14.97 -7.43
C ALA A 82 2.22 -15.97 -6.88
N LYS A 83 2.35 -16.01 -5.55
CA LYS A 83 3.28 -16.94 -4.91
C LYS A 83 2.62 -18.24 -4.48
N GLY A 84 1.28 -18.30 -4.62
CA GLY A 84 0.57 -19.53 -4.34
C GLY A 84 -0.69 -19.39 -3.50
N ASN A 85 -0.76 -18.34 -2.69
CA ASN A 85 -1.90 -18.16 -1.81
C ASN A 85 -3.21 -17.95 -2.57
N GLU A 86 -3.97 -19.03 -2.71
CA GLU A 86 -5.24 -18.99 -3.46
C GLU A 86 -6.41 -18.59 -2.57
N ASN A 87 -6.12 -18.25 -1.31
CA ASN A 87 -7.16 -17.83 -0.37
C ASN A 87 -7.27 -16.32 -0.26
N ILE A 88 -6.49 -15.61 -1.07
CA ILE A 88 -6.53 -14.15 -1.09
C ILE A 88 -7.12 -13.63 -2.39
N HIS A 89 -8.06 -12.69 -2.29
CA HIS A 89 -8.71 -12.12 -3.45
C HIS A 89 -8.64 -10.60 -3.46
N VAL A 90 -8.22 -10.03 -4.59
CA VAL A 90 -8.22 -8.58 -4.76
C VAL A 90 -9.54 -8.14 -5.37
N LEU A 91 -10.34 -7.43 -4.58
CA LEU A 91 -11.68 -7.05 -4.99
C LEU A 91 -11.71 -5.81 -5.87
N ASP A 92 -11.02 -4.76 -5.44
CA ASP A 92 -11.06 -3.49 -6.16
C ASP A 92 -9.90 -2.58 -5.76
N THR A 93 -9.73 -1.49 -6.50
CA THR A 93 -8.69 -0.51 -6.21
C THR A 93 -9.18 0.54 -5.21
N TYR A 94 -8.38 0.79 -4.18
CA TYR A 94 -8.73 1.78 -3.17
C TYR A 94 -8.14 3.14 -3.50
N VAL A 95 -6.88 3.14 -3.93
CA VAL A 95 -6.22 4.37 -4.34
C VAL A 95 -5.68 4.24 -5.76
N LYS A 96 -6.16 5.09 -6.65
CA LYS A 96 -5.79 5.03 -8.06
C LYS A 96 -4.38 5.58 -8.29
N SER A 97 -4.02 6.61 -7.53
CA SER A 97 -2.70 7.22 -7.65
C SER A 97 -1.62 6.32 -7.07
N PRO A 98 -0.40 6.41 -7.63
CA PRO A 98 0.72 5.56 -7.19
C PRO A 98 1.32 6.03 -5.86
N LEU A 99 2.18 5.21 -5.28
CA LEU A 99 2.87 5.56 -4.04
C LEU A 99 4.21 6.19 -4.35
N LEU A 100 4.56 7.25 -3.65
CA LEU A 100 5.82 7.95 -3.86
C LEU A 100 6.89 7.46 -2.90
N TRP A 101 7.90 6.77 -3.44
CA TRP A 101 9.02 6.28 -2.65
C TRP A 101 10.20 7.24 -2.73
N ALA A 102 10.74 7.60 -1.57
CA ALA A 102 11.88 8.49 -1.51
C ALA A 102 13.16 7.72 -1.22
N VAL A 103 14.21 8.00 -1.99
CA VAL A 103 15.51 7.39 -1.78
C VAL A 103 16.34 8.28 -0.86
N SER A 104 16.68 7.77 0.31
CA SER A 104 17.37 8.56 1.32
C SER A 104 18.77 8.05 1.65
N THR A 105 19.54 8.89 2.32
CA THR A 105 20.86 8.52 2.82
C THR A 105 21.19 9.42 4.02
N GLY A 106 22.34 9.19 4.64
CA GLY A 106 22.75 9.98 5.79
C GLY A 106 22.80 11.46 5.46
N SER A 107 22.32 12.29 6.38
CA SER A 107 22.28 13.73 6.17
C SER A 107 23.69 14.31 6.02
N ASN A 108 24.67 13.62 6.58
CA ASN A 108 26.05 14.06 6.51
C ASN A 108 26.92 13.18 5.61
N ARG A 109 26.26 12.37 4.78
CA ARG A 109 26.98 11.52 3.83
C ARG A 109 27.43 12.32 2.62
N ASP A 110 28.56 13.01 2.77
CA ASP A 110 29.11 13.83 1.71
C ASP A 110 29.67 12.98 0.57
N ASP A 111 29.69 11.67 0.78
CA ASP A 111 30.14 10.74 -0.25
C ASP A 111 28.97 10.31 -1.14
N VAL A 112 27.76 10.47 -0.64
CA VAL A 112 26.55 10.12 -1.39
C VAL A 112 25.81 11.39 -1.81
N THR A 113 26.01 11.80 -3.06
CA THR A 113 25.40 13.04 -3.56
C THR A 113 24.30 12.76 -4.56
N ASP A 114 24.06 11.49 -4.85
CA ASP A 114 23.03 11.09 -5.80
C ASP A 114 22.73 9.59 -5.73
N ALA A 115 21.75 9.15 -6.49
CA ALA A 115 21.39 7.74 -6.55
C ALA A 115 22.31 7.00 -7.52
N LYS A 116 23.35 7.70 -7.97
CA LYS A 116 24.32 7.12 -8.90
C LYS A 116 25.49 6.49 -8.14
N GLN A 117 25.94 5.35 -8.63
CA GLN A 117 27.06 4.64 -8.01
C GLN A 117 26.74 4.17 -6.60
N LEU A 118 25.51 3.70 -6.39
CA LEU A 118 25.12 3.12 -5.10
C LEU A 118 25.53 1.66 -5.04
N LYS A 119 26.01 1.24 -3.87
CA LYS A 119 26.46 -0.14 -3.69
C LYS A 119 25.59 -0.91 -2.70
N ARG A 120 25.69 -0.53 -1.43
CA ARG A 120 24.94 -1.20 -0.36
CA ARG A 120 24.94 -1.20 -0.37
C ARG A 120 23.56 -0.58 -0.19
N ILE A 121 22.53 -1.33 -0.57
CA ILE A 121 21.15 -0.87 -0.46
C ILE A 121 20.49 -1.41 0.81
N GLY A 122 20.06 -0.51 1.68
CA GLY A 122 19.38 -0.91 2.91
C GLY A 122 17.91 -1.18 2.70
N VAL A 123 17.44 -2.27 3.30
CA VAL A 123 16.02 -2.63 3.23
C VAL A 123 15.54 -3.17 4.57
N SER A 124 14.24 -3.09 4.81
CA SER A 124 13.67 -3.61 6.04
C SER A 124 13.70 -5.14 6.02
N ARG A 125 13.22 -5.72 4.93
CA ARG A 125 13.22 -7.17 4.75
C ARG A 125 13.42 -7.51 3.27
N ILE A 126 13.87 -8.73 3.00
CA ILE A 126 13.98 -9.22 1.64
C ILE A 126 12.58 -9.51 1.10
N GLY A 127 12.21 -8.87 0.00
CA GLY A 127 10.90 -9.05 -0.59
C GLY A 127 9.93 -7.96 -0.18
N SER A 128 10.39 -7.05 0.69
CA SER A 128 9.56 -5.95 1.14
C SER A 128 9.51 -4.85 0.08
N GLY A 129 8.74 -3.81 0.35
CA GLY A 129 8.61 -2.69 -0.58
C GLY A 129 9.93 -1.99 -0.84
N SER A 130 10.70 -1.76 0.22
CA SER A 130 11.99 -1.11 0.10
C SER A 130 12.96 -1.94 -0.74
N TYR A 131 12.72 -3.24 -0.79
CA TYR A 131 13.56 -4.15 -1.55
C TYR A 131 13.13 -4.22 -3.01
N VAL A 132 11.83 -4.36 -3.24
CA VAL A 132 11.30 -4.49 -4.58
C VAL A 132 11.50 -3.20 -5.39
N SER A 134 13.83 -1.12 -5.23
CA SER A 134 15.23 -0.90 -5.57
C SER A 134 15.49 -1.36 -6.99
N PHE A 135 14.71 -2.33 -7.45
CA PHE A 135 14.83 -2.84 -8.81
C PHE A 135 14.24 -1.86 -9.81
N VAL A 136 13.18 -1.16 -9.39
CA VAL A 136 12.57 -0.14 -10.24
C VAL A 136 13.50 1.06 -10.36
N LEU A 137 14.18 1.39 -9.27
CA LEU A 137 15.14 2.48 -9.26
C LEU A 137 16.26 2.21 -10.26
N ALA A 138 16.88 1.04 -10.14
CA ALA A 138 17.99 0.65 -11.00
C ALA A 138 17.57 0.63 -12.47
N HIS A 139 16.37 0.13 -12.73
CA HIS A 139 15.85 0.04 -14.09
C HIS A 139 15.75 1.42 -14.75
N GLN A 140 15.17 2.37 -14.02
CA GLN A 140 15.00 3.73 -14.54
CA GLN A 140 15.01 3.74 -14.54
C GLN A 140 16.35 4.46 -14.65
N LEU A 141 17.31 4.03 -13.82
CA LEU A 141 18.64 4.64 -13.84
C LEU A 141 19.47 4.11 -15.01
N GLY A 142 18.99 3.02 -15.63
CA GLY A 142 19.69 2.41 -16.74
C GLY A 142 20.88 1.58 -16.27
N VAL A 143 20.82 1.13 -15.03
CA VAL A 143 21.89 0.34 -14.44
C VAL A 143 21.36 -1.03 -14.00
N PRO A 144 22.25 -2.04 -13.95
CA PRO A 144 21.87 -3.39 -13.51
C PRO A 144 21.26 -3.36 -12.11
N SER A 145 20.47 -4.38 -11.78
CA SER A 145 19.84 -4.46 -10.47
C SER A 145 20.89 -4.53 -9.36
N PHE A 146 20.55 -4.02 -8.19
CA PHE A 146 21.44 -4.07 -7.04
C PHE A 146 21.53 -5.49 -6.51
N ASP A 147 22.67 -5.83 -5.91
CA ASP A 147 22.88 -7.19 -5.40
C ASP A 147 23.31 -7.20 -3.94
N GLN A 148 23.77 -6.06 -3.44
CA GLN A 148 24.19 -5.96 -2.05
C GLN A 148 23.09 -5.32 -1.19
N PHE A 149 22.33 -6.16 -0.50
CA PHE A 149 21.22 -5.69 0.33
C PHE A 149 21.51 -5.83 1.82
N GLN A 150 21.17 -4.80 2.58
CA GLN A 150 21.36 -4.81 4.02
C GLN A 150 20.00 -4.86 4.73
N VAL A 151 19.78 -5.92 5.50
CA VAL A 151 18.51 -6.08 6.23
C VAL A 151 18.57 -5.38 7.57
N LEU A 152 17.82 -4.29 7.71
CA LEU A 152 17.83 -3.48 8.93
C LEU A 152 16.54 -3.63 9.74
N SER A 153 15.65 -4.51 9.28
CA SER A 153 14.42 -4.83 10.02
C SER A 153 13.37 -3.72 9.98
N ASN A 154 13.70 -2.56 10.55
CA ASN A 154 12.75 -1.46 10.61
C ASN A 154 13.26 -0.13 10.05
N PHE A 155 12.37 0.86 10.00
CA PHE A 155 12.70 2.16 9.44
C PHE A 155 13.73 2.91 10.29
N LYS A 156 13.65 2.73 11.60
CA LYS A 156 14.59 3.38 12.52
C LYS A 156 16.02 2.98 12.20
N ASN A 157 16.25 1.68 12.05
CA ASN A 157 17.58 1.16 11.75
C ASN A 157 18.09 1.61 10.38
N LEU A 158 17.17 1.79 9.44
CA LEU A 158 17.54 2.22 8.09
C LEU A 158 18.18 3.59 8.09
N ARG A 159 17.69 4.48 8.96
CA ARG A 159 18.24 5.82 9.07
C ARG A 159 19.60 5.80 9.76
N ASP A 160 19.72 5.00 10.81
CA ASP A 160 20.98 4.85 11.51
C ASP A 160 22.04 4.24 10.61
N SER A 161 21.61 3.33 9.74
CA SER A 161 22.51 2.63 8.84
C SER A 161 23.17 3.60 7.85
N VAL A 162 22.35 4.40 7.17
CA VAL A 162 22.87 5.36 6.20
C VAL A 162 23.66 6.47 6.89
N ASN A 163 23.36 6.70 8.16
CA ASN A 163 24.10 7.68 8.96
C ASN A 163 25.36 7.06 9.57
N LEU A 164 25.56 5.77 9.33
CA LEU A 164 26.74 5.06 9.81
C LEU A 164 26.88 5.14 11.33
N LYS A 165 25.75 5.01 12.04
CA LYS A 165 25.76 5.03 13.49
C LYS A 165 26.12 3.66 14.07
N ASP A 166 26.32 3.60 15.38
CA ASP A 166 26.67 2.36 16.05
C ASP A 166 25.44 1.48 16.27
N GLY A 167 25.63 0.17 16.24
CA GLY A 167 24.56 -0.77 16.48
C GLY A 167 24.07 -1.47 15.22
N VAL A 168 24.39 -0.88 14.07
CA VAL A 168 23.97 -1.46 12.79
C VAL A 168 25.09 -1.35 11.76
N GLU A 169 25.01 -2.18 10.73
CA GLU A 169 25.97 -2.13 9.63
C GLU A 169 25.64 -0.96 8.71
N GLY A 170 26.68 -0.39 8.11
CA GLY A 170 26.50 0.76 7.24
C GLY A 170 25.86 0.41 5.91
N SER A 171 25.27 1.41 5.26
CA SER A 171 24.68 1.25 3.95
C SER A 171 24.68 2.57 3.19
N ASP A 172 24.62 2.50 1.87
CA ASP A 172 24.69 3.71 1.04
C ASP A 172 23.37 4.45 0.98
N ALA A 173 22.27 3.72 0.79
CA ALA A 173 20.96 4.34 0.69
C ALA A 173 19.83 3.33 0.93
N PHE A 174 18.64 3.84 1.18
CA PHE A 174 17.46 3.00 1.34
C PHE A 174 16.23 3.73 0.81
N TRP A 176 11.93 4.43 1.10
CA TRP A 176 10.82 4.46 2.03
C TRP A 176 9.81 5.51 1.58
N GLU A 177 8.55 5.32 1.96
CA GLU A 177 7.50 6.24 1.54
C GLU A 177 7.87 7.69 1.85
N TYR A 178 7.66 8.57 0.88
CA TYR A 178 8.12 9.95 0.97
C TYR A 178 7.65 10.70 2.22
N PHE A 179 6.34 10.86 2.37
CA PHE A 179 5.79 11.63 3.47
C PHE A 179 6.20 11.10 4.84
N THR A 180 6.49 9.81 4.91
CA THR A 180 6.98 9.20 6.14
C THR A 180 8.43 9.63 6.38
N SER A 181 9.16 9.82 5.29
CA SER A 181 10.56 10.20 5.35
C SER A 181 10.72 11.70 5.49
N LYS A 182 9.70 12.45 5.09
CA LYS A 182 9.76 13.90 5.09
C LYS A 182 10.06 14.47 6.47
N LYS A 183 9.48 13.84 7.49
CA LYS A 183 9.71 14.27 8.87
C LYS A 183 11.19 14.27 9.20
N TYR A 184 11.92 13.31 8.63
CA TYR A 184 13.33 13.16 8.93
C TYR A 184 14.22 13.93 7.95
N TYR A 185 13.61 14.51 6.92
CA TYR A 185 14.31 15.46 6.07
C TYR A 185 14.32 16.81 6.76
N ASP A 186 13.22 17.12 7.43
CA ASP A 186 13.03 18.41 8.08
C ASP A 186 13.86 18.55 9.36
N ASN A 187 14.05 17.45 10.07
CA ASN A 187 14.87 17.46 11.28
C ASN A 187 16.34 17.21 10.96
N HIS A 188 16.66 17.18 9.67
CA HIS A 188 18.03 17.04 9.19
C HIS A 188 18.70 15.76 9.65
N GLU A 189 17.93 14.69 9.76
CA GLU A 189 18.48 13.39 10.15
C GLU A 189 18.89 12.59 8.92
N ILE A 190 18.13 12.75 7.84
CA ILE A 190 18.45 12.11 6.56
C ILE A 190 18.24 13.10 5.42
N LYS A 191 18.79 12.79 4.26
CA LYS A 191 18.62 13.66 3.09
C LYS A 191 18.14 12.88 1.87
N GLN A 192 17.39 13.55 1.01
CA GLN A 192 16.83 12.93 -0.18
C GLN A 192 17.79 13.02 -1.37
N ILE A 193 17.99 11.91 -2.06
CA ILE A 193 18.86 11.89 -3.23
C ILE A 193 18.08 11.50 -4.49
N ASP A 194 16.84 11.06 -4.31
CA ASP A 194 16.00 10.67 -5.44
C ASP A 194 14.58 10.32 -5.01
N GLN A 195 13.67 10.27 -5.98
CA GLN A 195 12.29 9.87 -5.74
C GLN A 195 11.82 8.94 -6.84
N ILE A 196 11.01 7.95 -6.48
CA ILE A 196 10.51 6.97 -7.45
C ILE A 196 9.05 6.62 -7.20
N TYR A 197 8.22 6.78 -8.22
CA TYR A 197 6.82 6.38 -8.13
C TYR A 197 6.67 4.88 -8.40
N THR A 198 5.63 4.28 -7.83
CA THR A 198 5.31 2.90 -8.12
C THR A 198 4.59 2.81 -9.45
N PRO A 199 4.98 1.85 -10.30
CA PRO A 199 4.34 1.68 -11.62
C PRO A 199 2.84 1.40 -11.48
N TRP A 200 2.44 0.86 -10.33
CA TRP A 200 1.07 0.46 -10.09
C TRP A 200 0.33 1.43 -9.18
N SER A 201 -0.97 1.24 -9.02
CA SER A 201 -1.75 1.98 -8.05
C SER A 201 -1.37 1.51 -6.65
N SER A 202 -1.38 2.44 -5.69
CA SER A 202 -0.84 2.18 -4.36
C SER A 202 -1.66 1.24 -3.47
N TRP A 203 -2.96 1.51 -3.34
CA TRP A 203 -3.80 0.76 -2.41
C TRP A 203 -4.93 0.00 -3.09
N VAL A 204 -5.28 -1.16 -2.53
CA VAL A 204 -6.39 -1.97 -3.04
C VAL A 204 -7.20 -2.58 -1.90
N VAL A 205 -8.38 -3.09 -2.24
CA VAL A 205 -9.24 -3.76 -1.28
C VAL A 205 -9.19 -5.27 -1.50
N ALA A 206 -8.95 -6.02 -0.43
CA ALA A 206 -8.81 -7.47 -0.54
C ALA A 206 -9.66 -8.21 0.49
N THR A 207 -9.87 -9.51 0.25
CA THR A 207 -10.64 -10.35 1.14
C THR A 207 -10.16 -11.79 1.04
N SER A 208 -10.81 -12.68 1.79
CA SER A 208 -10.47 -14.10 1.75
C SER A 208 -11.52 -14.88 0.98
N SER A 209 -11.16 -16.09 0.56
CA SER A 209 -12.10 -16.94 -0.17
C SER A 209 -13.32 -17.26 0.69
N ASP A 210 -13.11 -17.37 1.99
CA ASP A 210 -14.18 -17.70 2.93
C ASP A 210 -15.14 -16.53 3.13
N SER A 211 -14.58 -15.36 3.38
CA SER A 211 -15.39 -14.17 3.61
C SER A 211 -16.14 -13.75 2.35
N LEU A 212 -15.51 -13.94 1.19
CA LEU A 212 -16.11 -13.59 -0.08
C LEU A 212 -17.24 -14.56 -0.43
N GLN A 213 -17.11 -15.80 0.02
CA GLN A 213 -18.09 -16.84 -0.29
C GLN A 213 -19.31 -16.76 0.62
N ALA A 214 -19.08 -16.46 1.89
CA ALA A 214 -20.15 -16.45 2.89
C ALA A 214 -20.72 -15.07 3.17
N LYS A 215 -19.98 -14.03 2.76
CA LYS A 215 -20.37 -12.66 3.07
C LYS A 215 -20.19 -11.74 1.86
N SER A 216 -20.62 -12.21 0.69
CA SER A 216 -20.45 -11.44 -0.54
C SER A 216 -21.29 -10.17 -0.56
N ASP A 217 -22.58 -10.30 -0.32
CA ASP A 217 -23.50 -9.17 -0.37
C ASP A 217 -23.11 -8.06 0.60
N VAL A 218 -22.68 -8.44 1.79
CA VAL A 218 -22.29 -7.46 2.80
C VAL A 218 -21.00 -6.75 2.43
N ILE A 219 -20.12 -7.45 1.71
CA ILE A 219 -18.88 -6.85 1.23
C ILE A 219 -19.16 -5.81 0.17
N LYS A 220 -20.16 -6.08 -0.67
CA LYS A 220 -20.55 -5.15 -1.72
C LYS A 220 -21.01 -3.82 -1.11
N ASN A 221 -21.90 -3.89 -0.13
CA ASN A 221 -22.40 -2.71 0.54
C ASN A 221 -21.28 -1.92 1.20
N PHE A 222 -20.25 -2.62 1.66
CA PHE A 222 -19.10 -1.98 2.28
C PHE A 222 -18.34 -1.15 1.25
N ILE A 223 -18.07 -1.75 0.10
CA ILE A 223 -17.36 -1.05 -0.97
C ILE A 223 -18.13 0.20 -1.41
N ASP A 224 -19.45 0.07 -1.51
CA ASP A 224 -20.30 1.21 -1.84
C ASP A 224 -20.25 2.27 -0.75
N ALA A 225 -20.13 1.81 0.50
CA ALA A 225 -20.00 2.72 1.63
C ALA A 225 -18.65 3.44 1.58
N VAL A 226 -17.63 2.72 1.13
CA VAL A 226 -16.30 3.30 0.97
C VAL A 226 -16.32 4.31 -0.17
N ASN A 227 -17.13 4.02 -1.19
CA ASN A 227 -17.30 4.93 -2.32
C ASN A 227 -17.82 6.29 -1.87
N GLN A 228 -18.84 6.27 -1.00
CA GLN A 228 -19.43 7.50 -0.49
C GLN A 228 -18.45 8.22 0.44
N GLY A 229 -17.67 7.44 1.18
CA GLY A 229 -16.65 8.01 2.05
C GLY A 229 -15.62 8.76 1.24
N ILE A 230 -15.27 8.20 0.10
CA ILE A 230 -14.31 8.84 -0.81
C ILE A 230 -14.89 10.12 -1.39
N GLN A 231 -16.18 10.09 -1.71
CA GLN A 231 -16.86 11.27 -2.24
C GLN A 231 -16.87 12.38 -1.20
N TYR A 232 -17.15 12.02 0.05
CA TYR A 232 -17.16 13.00 1.13
C TYR A 232 -15.78 13.61 1.32
N TYR A 233 -14.74 12.78 1.20
CA TYR A 233 -13.37 13.24 1.30
C TYR A 233 -13.06 14.28 0.22
N ASN A 234 -13.38 13.94 -1.02
CA ASN A 234 -13.12 14.84 -2.15
C ASN A 234 -13.88 16.16 -2.04
N GLU A 235 -14.99 16.14 -1.32
CA GLU A 235 -15.82 17.34 -1.17
C GLU A 235 -15.55 18.04 0.16
N HIS A 236 -14.63 17.50 0.94
CA HIS A 236 -14.28 18.09 2.24
C HIS A 236 -12.79 17.92 2.53
N VAL A 237 -11.96 18.37 1.60
CA VAL A 237 -10.51 18.26 1.74
C VAL A 237 -10.02 18.95 3.01
N ASP A 238 -10.48 20.17 3.24
CA ASP A 238 -10.09 20.93 4.43
C ASP A 238 -10.40 20.15 5.71
N GLU A 239 -11.57 19.54 5.75
CA GLU A 239 -11.97 18.75 6.91
C GLU A 239 -11.06 17.52 7.06
N ALA A 240 -10.64 16.97 5.93
CA ALA A 240 -9.74 15.82 5.92
C ALA A 240 -8.36 16.23 6.46
N ILE A 241 -7.90 17.40 6.04
CA ILE A 241 -6.63 17.93 6.51
C ILE A 241 -6.67 18.16 8.01
N GLU A 242 -7.79 18.68 8.49
CA GLU A 242 -7.98 18.93 9.92
CA GLU A 242 -7.97 18.93 9.92
C GLU A 242 -8.00 17.62 10.71
N TYR A 243 -8.58 16.59 10.11
CA TYR A 243 -8.66 15.28 10.75
C TYR A 243 -7.29 14.61 10.84
N ILE A 244 -6.57 14.61 9.73
CA ILE A 244 -5.27 13.96 9.65
C ILE A 244 -4.25 14.60 10.59
N SER A 245 -4.23 15.93 10.62
CA SER A 245 -3.27 16.66 11.45
C SER A 245 -3.75 16.81 12.89
N SER A 246 -4.79 16.08 13.26
CA SER A 246 -5.31 16.14 14.62
C SER A 246 -5.45 14.74 15.24
N ASN A 247 -5.43 13.72 14.40
CA ASN A 247 -5.59 12.34 14.87
C ASN A 247 -4.49 11.40 14.37
N LEU A 248 -3.77 11.84 13.33
CA LEU A 248 -2.71 11.02 12.77
C LEU A 248 -1.35 11.68 12.95
N ASP A 249 -0.28 10.92 12.70
CA ASP A 249 1.07 11.43 12.89
C ASP A 249 1.53 12.25 11.70
N TYR A 250 0.89 13.39 11.48
CA TYR A 250 1.25 14.29 10.39
C TYR A 250 0.91 15.73 10.73
N SER A 251 1.79 16.65 10.33
CA SER A 251 1.57 18.07 10.55
C SER A 251 0.52 18.60 9.58
N ALA A 252 0.00 19.79 9.87
CA ALA A 252 -0.99 20.41 9.00
C ALA A 252 -0.40 20.67 7.61
N GLU A 253 0.88 21.02 7.57
N GLU A 253 0.88 21.02 7.57
CA GLU A 253 1.56 21.29 6.31
CA GLU A 253 1.56 21.29 6.32
C GLU A 253 1.67 20.05 5.45
C GLU A 253 1.68 20.05 5.44
N ASP A 254 2.24 18.98 6.02
CA ASP A 254 2.41 17.73 5.29
C ASP A 254 1.08 17.14 4.85
N ALA A 255 0.07 17.24 5.72
CA ALA A 255 -1.26 16.76 5.39
C ALA A 255 -1.83 17.52 4.21
N LYS A 256 -1.54 18.81 4.15
CA LYS A 256 -2.00 19.66 3.05
C LYS A 256 -1.40 19.23 1.72
N GLU A 257 -0.07 19.07 1.70
CA GLU A 257 0.62 18.67 0.49
C GLU A 257 0.27 17.24 0.07
N TRP A 258 -0.03 16.40 1.05
CA TRP A 258 -0.37 15.01 0.80
C TRP A 258 -1.66 14.88 -0.04
N THR A 259 -2.63 15.72 0.25
CA THR A 259 -3.91 15.68 -0.44
C THR A 259 -3.78 16.07 -1.91
N LYS A 260 -2.71 16.79 -2.23
CA LYS A 260 -2.46 17.22 -3.61
C LYS A 260 -1.94 16.08 -4.48
N THR A 261 -1.43 15.03 -3.85
CA THR A 261 -0.80 13.94 -4.57
C THR A 261 -1.65 12.68 -4.62
N VAL A 262 -2.70 12.64 -3.81
CA VAL A 262 -3.51 11.43 -3.67
C VAL A 262 -4.83 11.49 -4.43
N GLU A 263 -5.12 10.42 -5.17
CA GLU A 263 -6.40 10.28 -5.84
C GLU A 263 -7.02 8.94 -5.51
N PHE A 264 -8.06 8.96 -4.67
CA PHE A 264 -8.78 7.74 -4.33
C PHE A 264 -9.62 7.28 -5.53
N ASN A 265 -9.99 6.01 -5.53
CA ASN A 265 -10.82 5.47 -6.61
C ASN A 265 -12.29 5.78 -6.41
N SER A 266 -12.72 6.92 -6.96
CA SER A 266 -14.11 7.35 -6.82
C SER A 266 -15.06 6.44 -7.60
N ARG A 267 -14.50 5.52 -8.37
CA ARG A 267 -15.30 4.60 -9.16
C ARG A 267 -15.33 3.22 -8.52
N ILE A 268 -14.80 3.11 -7.31
CA ILE A 268 -14.72 1.83 -6.62
C ILE A 268 -16.11 1.20 -6.45
N GLY A 269 -16.24 -0.06 -6.88
CA GLY A 269 -17.50 -0.77 -6.80
C GLY A 269 -18.40 -0.49 -7.99
N LYS A 270 -18.04 0.52 -8.78
CA LYS A 270 -18.84 0.92 -9.93
C LYS A 270 -18.20 0.48 -11.24
N THR A 271 -16.87 0.43 -11.25
CA THR A 271 -16.13 0.03 -12.45
C THR A 271 -15.00 -0.92 -12.07
N PRO A 272 -14.84 -2.00 -12.85
CA PRO A 272 -13.77 -2.98 -12.60
C PRO A 272 -12.41 -2.30 -12.51
N LEU A 273 -11.53 -2.85 -11.67
CA LEU A 273 -10.19 -2.29 -11.51
C LEU A 273 -9.37 -2.40 -12.79
N ASP A 274 -8.39 -1.53 -12.94
CA ASP A 274 -7.52 -1.54 -14.12
C ASP A 274 -6.52 -2.68 -14.05
N TRP A 275 -6.67 -3.65 -14.94
CA TRP A 275 -5.85 -4.86 -14.91
C TRP A 275 -4.38 -4.58 -15.16
N ASP A 276 -4.10 -3.70 -16.11
CA ASP A 276 -2.72 -3.39 -16.47
C ASP A 276 -1.98 -2.65 -15.36
N THR A 277 -2.68 -1.76 -14.68
CA THR A 277 -2.05 -0.90 -13.67
C THR A 277 -2.07 -1.53 -12.28
N ILE A 278 -2.77 -2.65 -12.14
CA ILE A 278 -2.86 -3.35 -10.86
C ILE A 278 -2.17 -4.70 -10.90
N VAL A 279 -2.38 -5.44 -11.99
CA VAL A 279 -1.86 -6.79 -12.11
C VAL A 279 -0.60 -6.87 -12.96
N VAL A 280 -0.70 -6.44 -14.22
CA VAL A 280 0.40 -6.57 -15.17
C VAL A 280 1.70 -5.91 -14.69
N LYS A 281 1.68 -4.59 -14.57
CA LYS A 281 2.87 -3.84 -14.17
C LYS A 281 3.46 -4.35 -12.86
N THR A 282 2.59 -4.69 -11.90
CA THR A 282 3.03 -5.20 -10.61
C THR A 282 3.73 -6.54 -10.78
N LYS A 283 3.12 -7.42 -11.58
CA LYS A 283 3.69 -8.74 -11.86
C LYS A 283 5.09 -8.62 -12.47
N ASP A 284 5.22 -7.76 -13.47
CA ASP A 284 6.49 -7.56 -14.16
C ASP A 284 7.59 -7.14 -13.19
N THR A 285 7.25 -6.24 -12.27
CA THR A 285 8.20 -5.73 -11.30
C THR A 285 8.62 -6.80 -10.29
N LEU A 286 7.63 -7.52 -9.77
CA LEU A 286 7.88 -8.56 -8.77
C LEU A 286 8.77 -9.67 -9.34
N LYS A 287 8.58 -9.97 -10.63
CA LYS A 287 9.38 -10.98 -11.30
C LYS A 287 10.80 -10.46 -11.51
N LEU A 288 10.92 -9.17 -11.80
CA LEU A 288 12.21 -8.53 -11.95
C LEU A 288 12.98 -8.55 -10.63
N ALA A 289 12.25 -8.47 -9.52
CA ALA A 289 12.86 -8.48 -8.20
C ALA A 289 13.16 -9.90 -7.73
N GLY A 290 12.79 -10.87 -8.55
CA GLY A 290 13.03 -12.27 -8.23
C GLY A 290 12.08 -12.82 -7.18
N VAL A 291 11.05 -12.06 -6.87
CA VAL A 291 10.06 -12.48 -5.88
C VAL A 291 9.19 -13.61 -6.43
N LEU A 292 8.94 -13.58 -7.74
CA LEU A 292 8.13 -14.61 -8.38
C LEU A 292 9.01 -15.58 -9.16
N ALA A 293 9.10 -16.81 -8.66
CA ALA A 293 9.96 -17.82 -9.28
C ALA A 293 9.16 -18.71 -10.24
N GLU A 294 7.85 -18.73 -10.08
CA GLU A 294 6.99 -19.57 -10.90
C GLU A 294 6.94 -19.06 -12.35
N SER A 295 6.42 -19.89 -13.25
CA SER A 295 6.35 -19.53 -14.67
C SER A 295 5.31 -18.45 -14.93
N ASP A 296 5.38 -17.85 -16.12
CA ASP A 296 4.46 -16.77 -16.49
C ASP A 296 3.01 -17.25 -16.56
N ASP A 297 2.81 -18.44 -17.11
CA ASP A 297 1.47 -19.00 -17.26
C ASP A 297 0.81 -19.29 -15.91
N VAL A 298 1.57 -19.86 -14.99
CA VAL A 298 1.05 -20.18 -13.67
C VAL A 298 0.76 -18.93 -12.85
N ILE A 299 1.67 -17.96 -12.93
CA ILE A 299 1.48 -16.70 -12.22
C ILE A 299 0.23 -15.98 -12.72
N LEU A 300 0.12 -15.84 -14.03
CA LEU A 300 -1.03 -15.18 -14.64
C LEU A 300 -2.32 -15.94 -14.36
N LYS A 301 -2.22 -17.27 -14.30
CA LYS A 301 -3.36 -18.13 -14.01
C LYS A 301 -3.88 -17.88 -12.60
N ARG A 302 -2.96 -17.74 -11.64
CA ARG A 302 -3.33 -17.50 -10.25
C ARG A 302 -3.88 -16.09 -10.04
N LEU A 303 -3.49 -15.17 -10.92
CA LEU A 303 -3.95 -13.80 -10.83
C LEU A 303 -5.30 -13.60 -11.51
N ASN A 304 -5.57 -14.40 -12.53
CA ASN A 304 -6.83 -14.33 -13.25
C ASN A 304 -8.02 -14.83 -12.41
N SER A 305 -7.74 -15.69 -11.44
CA SER A 305 -8.79 -16.29 -10.63
C SER A 305 -8.94 -15.63 -9.26
N ASN A 306 -7.94 -14.84 -8.87
CA ASN A 306 -7.97 -14.18 -7.56
C ASN A 306 -8.15 -12.67 -7.63
N VAL A 307 -7.91 -12.09 -8.80
CA VAL A 307 -8.11 -10.66 -9.00
C VAL A 307 -9.41 -10.39 -9.77
N LYS A 308 -10.32 -9.67 -9.14
CA LYS A 308 -11.63 -9.40 -9.74
C LYS A 308 -11.53 -8.60 -11.03
N LYS A 309 -12.24 -9.07 -12.06
CA LYS A 309 -12.33 -8.35 -13.33
C LYS A 309 -13.70 -7.67 -13.43
N THR A 310 -14.53 -7.90 -12.42
CA THR A 310 -15.86 -7.30 -12.37
C THR A 310 -16.18 -6.80 -10.97
N ASN A 311 -17.23 -6.00 -10.85
CA ASN A 311 -17.69 -5.54 -9.55
C ASN A 311 -18.69 -6.52 -8.95
N LEU A 312 -18.74 -6.58 -7.62
CA LEU A 312 -19.66 -7.49 -6.94
C LEU A 312 -21.10 -7.17 -7.28
N GLN A 313 -21.91 -8.21 -7.46
CA GLN A 313 -23.33 -8.05 -7.77
C GLN A 313 -24.18 -8.95 -6.89
N LEU A 314 -25.40 -8.49 -6.59
CA LEU A 314 -26.32 -9.26 -5.77
C LEU A 314 -27.04 -10.31 -6.61
N ASP A 315 -27.37 -11.43 -5.99
CA ASP A 315 -28.08 -12.50 -6.68
C ASP A 315 -29.48 -12.07 -7.08
N GLY A 316 -30.00 -12.63 -8.17
CA GLY A 316 -31.33 -12.31 -8.63
C GLY A 316 -32.42 -12.80 -7.69
N ASP A 317 -33.58 -12.17 -7.76
CA ASP A 317 -34.70 -12.52 -6.90
C ASP A 317 -35.19 -13.94 -7.15
N LEU A 318 -35.22 -14.35 -8.41
CA LEU A 318 -35.69 -15.68 -8.78
C LEU A 318 -34.65 -16.75 -8.47
N GLU A 319 -33.41 -16.32 -8.26
CA GLU A 319 -32.32 -17.24 -7.94
C GLU A 319 -32.46 -17.78 -6.51
#